data_1MAS
#
_entry.id   1MAS
#
_cell.length_a   63.840
_cell.length_b   131.530
_cell.length_c   90.100
_cell.angle_alpha   90.00
_cell.angle_beta   90.00
_cell.angle_gamma   90.00
#
_symmetry.space_group_name_H-M   'P 21 21 2'
#
loop_
_entity.id
_entity.type
_entity.pdbx_description
1 polymer 'INOSINE-URIDINE NUCLEOSIDE N-RIBOHYDROLASE'
2 non-polymer 'POTASSIUM ION'
3 water water
#
_entity_poly.entity_id   1
_entity_poly.type   'polypeptide(L)'
_entity_poly.pdbx_seq_one_letter_code
;AKKIILDCDPGLDDAVAILLAHGNPEIELLAITTVVGNQTLAKVTRNAQLVADIAGITGVPIAAGCDKPLVRKIMTAGHI
HGESGMGTVAYPAEFKNKVDERHAVNLIIDLVMSHEPKTITLVPTGGLTNIAMAARLEPRIVDRVKEVVLMGGGYHEGNA
TSVAEFNIIIDPEAAHIVFNESWQVTMVGLDLTHQALATPPILQRVKEVDTNPARFMLEIMDYYTKIYQSNRYMAAAAVH
DPCAVAYVIDPSVMTTERVPVDIELTGKLTLGMTVADFRNPRPEHCHTQVAVKLDFEKFWGLVLDALERIGDPQ
;
_entity_poly.pdbx_strand_id   A,B
#
# COMPACT_ATOMS: atom_id res chain seq x y z
N ALA A 1 -22.08 -6.45 -28.59
CA ALA A 1 -22.95 -7.19 -27.68
C ALA A 1 -22.63 -6.89 -26.22
N LYS A 2 -21.54 -7.48 -25.73
CA LYS A 2 -21.09 -7.35 -24.33
C LYS A 2 -22.07 -7.69 -23.22
N LYS A 3 -22.21 -8.98 -22.98
CA LYS A 3 -23.16 -9.48 -21.99
C LYS A 3 -22.52 -9.52 -20.64
N ILE A 4 -23.21 -8.99 -19.64
CA ILE A 4 -22.68 -9.00 -18.30
C ILE A 4 -23.75 -9.37 -17.30
N ILE A 5 -23.28 -9.53 -16.08
CA ILE A 5 -24.11 -9.76 -14.92
C ILE A 5 -23.58 -8.80 -13.86
N LEU A 6 -24.42 -7.89 -13.41
CA LEU A 6 -24.01 -6.93 -12.40
C LEU A 6 -24.38 -7.35 -10.98
N ASP A 7 -23.36 -7.73 -10.23
CA ASP A 7 -23.52 -8.15 -8.84
C ASP A 7 -23.22 -6.92 -7.99
N CYS A 8 -24.20 -6.38 -7.26
CA CYS A 8 -23.99 -5.11 -6.56
C CYS A 8 -24.76 -5.02 -5.25
N ASP A 9 -24.51 -3.93 -4.52
CA ASP A 9 -25.25 -3.65 -3.29
C ASP A 9 -25.69 -2.18 -3.34
N PRO A 10 -26.65 -1.86 -4.25
CA PRO A 10 -27.07 -0.47 -4.45
C PRO A 10 -27.25 0.50 -3.29
N GLY A 11 -26.28 1.40 -3.27
CA GLY A 11 -26.17 2.55 -2.46
C GLY A 11 -25.90 3.49 -3.67
N LEU A 12 -25.48 4.70 -3.48
CA LEU A 12 -25.25 5.65 -4.62
C LEU A 12 -24.60 5.05 -5.90
N ASP A 13 -23.34 4.62 -5.76
CA ASP A 13 -22.49 4.18 -6.90
C ASP A 13 -23.08 3.04 -7.73
N ASP A 14 -23.69 2.08 -7.09
CA ASP A 14 -24.25 0.94 -7.82
C ASP A 14 -25.34 1.40 -8.75
N ALA A 15 -26.11 2.38 -8.26
CA ALA A 15 -27.18 2.99 -9.05
C ALA A 15 -26.64 3.61 -10.35
N VAL A 16 -25.55 4.36 -10.24
CA VAL A 16 -25.00 4.97 -11.43
C VAL A 16 -24.52 3.83 -12.33
N ALA A 17 -23.82 2.89 -11.71
CA ALA A 17 -23.33 1.74 -12.43
C ALA A 17 -24.50 1.06 -13.16
N ILE A 18 -25.63 0.93 -12.49
CA ILE A 18 -26.75 0.30 -13.19
C ILE A 18 -27.23 1.18 -14.34
N LEU A 19 -27.23 2.49 -14.09
CA LEU A 19 -27.71 3.41 -15.11
C LEU A 19 -26.83 3.32 -16.34
N LEU A 20 -25.53 3.47 -16.13
CA LEU A 20 -24.57 3.43 -17.21
C LEU A 20 -24.72 2.15 -18.05
N ALA A 21 -24.70 1.00 -17.37
CA ALA A 21 -24.86 -0.30 -17.98
C ALA A 21 -26.17 -0.40 -18.79
N HIS A 22 -27.25 -0.01 -18.16
CA HIS A 22 -28.51 -0.11 -18.84
C HIS A 22 -28.52 0.80 -20.07
N GLY A 23 -28.04 2.03 -19.87
CA GLY A 23 -28.02 3.05 -20.92
C GLY A 23 -26.98 2.90 -22.05
N ASN A 24 -25.78 2.37 -21.75
CA ASN A 24 -24.77 2.15 -22.80
C ASN A 24 -25.12 1.03 -23.80
N PRO A 25 -25.07 1.36 -25.09
CA PRO A 25 -25.46 0.43 -26.13
C PRO A 25 -24.54 -0.79 -26.34
N GLU A 26 -23.36 -0.80 -25.75
CA GLU A 26 -22.50 -1.97 -25.95
C GLU A 26 -22.68 -3.00 -24.84
N ILE A 27 -23.53 -2.69 -23.87
CA ILE A 27 -23.67 -3.64 -22.80
C ILE A 27 -25.00 -4.31 -22.87
N GLU A 28 -24.98 -5.60 -22.57
CA GLU A 28 -26.19 -6.38 -22.46
C GLU A 28 -26.29 -6.88 -21.01
N LEU A 29 -27.11 -6.23 -20.20
CA LEU A 29 -27.31 -6.59 -18.79
C LEU A 29 -28.11 -7.92 -18.70
N LEU A 30 -27.48 -9.01 -18.31
CA LEU A 30 -28.22 -10.25 -18.29
C LEU A 30 -28.97 -10.29 -16.99
N ALA A 31 -28.35 -9.73 -15.96
CA ALA A 31 -28.99 -9.70 -14.66
C ALA A 31 -28.39 -8.70 -13.71
N ILE A 32 -29.17 -8.37 -12.71
CA ILE A 32 -28.74 -7.55 -11.61
C ILE A 32 -28.90 -8.49 -10.43
N THR A 33 -27.80 -8.76 -9.73
CA THR A 33 -27.84 -9.65 -8.58
C THR A 33 -27.35 -8.83 -7.41
N THR A 34 -27.93 -9.15 -6.27
CA THR A 34 -27.74 -8.38 -5.06
C THR A 34 -26.97 -9.13 -3.92
N VAL A 35 -26.25 -8.38 -3.07
CA VAL A 35 -25.45 -8.96 -2.00
C VAL A 35 -25.41 -8.05 -0.80
N VAL A 36 -25.36 -8.64 0.39
CA VAL A 36 -25.28 -7.88 1.63
C VAL A 36 -24.13 -6.89 1.58
N GLY A 37 -24.36 -5.69 2.14
CA GLY A 37 -23.35 -4.63 2.13
C GLY A 37 -23.33 -3.80 3.43
N ASN A 38 -23.26 -2.49 3.34
CA ASN A 38 -23.30 -1.72 4.57
C ASN A 38 -24.77 -1.60 4.97
N GLN A 39 -25.64 -2.02 4.06
CA GLN A 39 -27.06 -2.05 4.33
C GLN A 39 -27.41 -3.50 4.10
N THR A 40 -28.50 -3.95 4.74
CA THR A 40 -28.94 -5.34 4.63
C THR A 40 -29.33 -5.71 3.22
N LEU A 41 -29.28 -7.00 2.96
CA LEU A 41 -29.61 -7.53 1.67
C LEU A 41 -31.01 -7.08 1.27
N ALA A 42 -31.92 -7.05 2.24
CA ALA A 42 -33.29 -6.69 1.93
C ALA A 42 -33.39 -5.25 1.46
N LYS A 43 -32.67 -4.37 2.15
CA LYS A 43 -32.70 -2.94 1.83
C LYS A 43 -32.01 -2.66 0.50
N VAL A 44 -30.87 -3.30 0.31
CA VAL A 44 -30.13 -3.11 -0.93
C VAL A 44 -30.93 -3.54 -2.17
N THR A 45 -31.69 -4.59 -2.00
CA THR A 45 -32.52 -5.13 -3.06
C THR A 45 -33.64 -4.20 -3.43
N ARG A 46 -34.25 -3.55 -2.45
CA ARG A 46 -35.32 -2.62 -2.78
C ARG A 46 -34.75 -1.51 -3.61
N ASN A 47 -33.57 -1.07 -3.19
CA ASN A 47 -32.88 0.04 -3.80
C ASN A 47 -32.67 -0.27 -5.28
N ALA A 48 -32.26 -1.51 -5.55
CA ALA A 48 -32.04 -1.96 -6.90
C ALA A 48 -33.37 -1.94 -7.63
N GLN A 49 -34.39 -2.49 -7.02
CA GLN A 49 -35.73 -2.38 -7.59
C GLN A 49 -36.06 -0.90 -7.89
N LEU A 50 -35.77 -0.02 -6.94
CA LEU A 50 -36.10 1.37 -7.13
C LEU A 50 -35.45 1.89 -8.39
N VAL A 51 -34.17 1.63 -8.53
CA VAL A 51 -33.45 2.11 -9.69
C VAL A 51 -34.02 1.52 -10.97
N ALA A 52 -34.15 0.20 -10.99
CA ALA A 52 -34.70 -0.50 -12.15
C ALA A 52 -35.91 0.22 -12.68
N ASP A 53 -36.82 0.54 -11.77
CA ASP A 53 -38.04 1.25 -12.11
C ASP A 53 -37.71 2.67 -12.65
N ILE A 54 -36.91 3.44 -11.92
CA ILE A 54 -36.61 4.76 -12.42
C ILE A 54 -36.06 4.70 -13.84
N ALA A 55 -35.09 3.83 -14.08
CA ALA A 55 -34.41 3.77 -15.36
C ALA A 55 -35.26 3.19 -16.42
N GLY A 56 -36.42 2.66 -16.03
CA GLY A 56 -37.28 1.98 -16.97
C GLY A 56 -36.68 0.62 -17.47
N ILE A 57 -36.02 -0.11 -16.59
CA ILE A 57 -35.45 -1.38 -16.99
C ILE A 57 -36.53 -2.46 -17.04
N THR A 58 -36.43 -3.36 -18.02
CA THR A 58 -37.40 -4.47 -18.15
C THR A 58 -36.78 -5.77 -18.65
N GLY A 59 -37.29 -6.88 -18.16
CA GLY A 59 -36.80 -8.19 -18.58
C GLY A 59 -35.38 -8.50 -18.14
N VAL A 60 -34.95 -7.84 -17.08
CA VAL A 60 -33.64 -8.11 -16.53
C VAL A 60 -33.92 -8.53 -15.09
N PRO A 61 -33.68 -9.80 -14.76
CA PRO A 61 -33.94 -10.28 -13.42
C PRO A 61 -33.08 -9.57 -12.39
N ILE A 62 -33.67 -9.39 -11.22
CA ILE A 62 -32.98 -8.87 -10.06
C ILE A 62 -33.14 -10.01 -9.08
N ALA A 63 -32.03 -10.61 -8.71
CA ALA A 63 -32.09 -11.72 -7.78
C ALA A 63 -31.32 -11.36 -6.53
N ALA A 64 -31.85 -11.68 -5.36
CA ALA A 64 -31.14 -11.44 -4.12
C ALA A 64 -30.24 -12.66 -3.88
N GLY A 65 -29.05 -12.43 -3.34
CA GLY A 65 -28.11 -13.50 -3.09
C GLY A 65 -27.90 -13.62 -1.60
N CYS A 66 -26.64 -13.58 -1.21
CA CYS A 66 -26.26 -13.81 0.17
C CYS A 66 -26.51 -12.67 1.10
N ASP A 67 -27.10 -13.01 2.25
CA ASP A 67 -27.42 -12.07 3.31
C ASP A 67 -26.36 -11.85 4.37
N LYS A 68 -25.28 -12.64 4.35
CA LYS A 68 -24.14 -12.50 5.28
C LYS A 68 -22.87 -12.94 4.57
N PRO A 69 -21.70 -12.57 5.09
CA PRO A 69 -20.43 -12.99 4.50
C PRO A 69 -20.23 -14.50 4.74
N LEU A 70 -19.35 -15.12 3.97
CA LEU A 70 -19.06 -16.53 4.12
C LEU A 70 -18.76 -16.90 5.57
N VAL A 71 -17.70 -16.32 6.13
CA VAL A 71 -17.27 -16.66 7.46
C VAL A 71 -17.34 -15.55 8.47
N ARG A 72 -16.93 -14.34 8.09
CA ARG A 72 -16.95 -13.20 9.01
C ARG A 72 -18.39 -12.77 9.33
N LYS A 73 -18.52 -12.04 10.44
CA LYS A 73 -19.77 -11.40 10.85
C LYS A 73 -19.75 -9.94 10.39
N ILE A 74 -20.89 -9.41 9.93
CA ILE A 74 -20.94 -7.97 9.58
C ILE A 74 -20.89 -7.20 10.89
N MET A 75 -21.57 -7.81 11.85
CA MET A 75 -21.69 -7.38 13.26
C MET A 75 -21.89 -5.85 13.39
N THR A 76 -22.91 -5.38 12.73
CA THR A 76 -23.37 -3.97 12.73
C THR A 76 -24.40 -3.84 11.62
N GLU A 83 -32.50 4.18 7.48
CA GLU A 83 -32.79 4.98 6.29
C GLU A 83 -34.15 4.63 5.64
N SER A 84 -34.90 5.64 5.19
CA SER A 84 -36.22 5.41 4.61
C SER A 84 -36.48 4.91 3.23
N GLY A 85 -36.03 5.67 2.24
CA GLY A 85 -36.25 5.16 0.89
C GLY A 85 -34.81 4.99 0.51
N MET A 86 -34.38 5.81 -0.43
CA MET A 86 -32.98 5.85 -0.77
C MET A 86 -32.70 7.34 -0.73
N GLY A 87 -32.13 7.82 0.38
CA GLY A 87 -31.89 9.24 0.51
C GLY A 87 -33.25 9.89 0.73
N THR A 88 -33.59 10.88 -0.11
CA THR A 88 -34.87 11.58 0.00
C THR A 88 -35.92 11.02 -0.95
N VAL A 89 -35.51 10.03 -1.75
CA VAL A 89 -36.43 9.43 -2.71
C VAL A 89 -37.26 8.32 -2.05
N ALA A 90 -38.57 8.46 -2.11
CA ALA A 90 -39.47 7.49 -1.47
C ALA A 90 -39.70 6.34 -2.42
N TYR A 91 -40.01 5.18 -1.87
CA TYR A 91 -40.33 4.04 -2.71
C TYR A 91 -41.86 4.07 -2.95
N PRO A 92 -42.30 3.52 -4.08
CA PRO A 92 -43.72 3.43 -4.36
C PRO A 92 -44.17 2.33 -3.43
N ALA A 93 -45.47 2.17 -3.26
CA ALA A 93 -45.95 1.14 -2.35
C ALA A 93 -45.53 -0.23 -2.87
N GLU A 94 -45.49 -0.35 -4.20
CA GLU A 94 -45.11 -1.60 -4.83
C GLU A 94 -44.27 -1.31 -6.04
N PHE A 95 -43.32 -2.20 -6.30
CA PHE A 95 -42.47 -2.01 -7.45
C PHE A 95 -43.10 -2.59 -8.68
N LYS A 96 -42.58 -2.16 -9.83
CA LYS A 96 -43.04 -2.66 -11.11
C LYS A 96 -42.19 -3.94 -11.21
N ASN A 97 -40.90 -3.77 -10.94
CA ASN A 97 -39.93 -4.87 -11.02
C ASN A 97 -39.88 -5.72 -9.77
N LYS A 98 -40.16 -7.01 -9.91
CA LYS A 98 -40.10 -7.91 -8.76
C LYS A 98 -38.80 -8.68 -8.74
N VAL A 99 -38.50 -9.27 -7.58
CA VAL A 99 -37.34 -10.13 -7.40
C VAL A 99 -37.61 -11.57 -7.83
N ASP A 100 -36.67 -12.23 -8.50
CA ASP A 100 -36.85 -13.60 -8.91
C ASP A 100 -36.87 -14.48 -7.67
N GLU A 101 -37.11 -15.78 -7.83
CA GLU A 101 -36.93 -16.58 -6.64
C GLU A 101 -35.65 -17.36 -6.67
N ARG A 102 -35.04 -17.41 -7.84
CA ARG A 102 -33.76 -18.07 -7.90
C ARG A 102 -32.84 -17.18 -7.07
N HIS A 103 -31.97 -17.84 -6.31
CA HIS A 103 -31.00 -17.15 -5.51
C HIS A 103 -29.98 -16.67 -6.51
N ALA A 104 -29.49 -15.45 -6.30
CA ALA A 104 -28.48 -14.90 -7.19
C ALA A 104 -27.49 -15.98 -7.58
N VAL A 105 -27.00 -16.73 -6.60
CA VAL A 105 -25.98 -17.76 -6.86
C VAL A 105 -26.46 -18.77 -7.86
N ASN A 106 -27.65 -19.28 -7.63
CA ASN A 106 -28.19 -20.27 -8.53
C ASN A 106 -28.44 -19.61 -9.86
N LEU A 107 -28.92 -18.39 -9.82
CA LEU A 107 -29.15 -17.66 -11.07
C LEU A 107 -27.86 -17.42 -11.90
N ILE A 108 -26.77 -17.05 -11.25
CA ILE A 108 -25.50 -16.81 -11.94
C ILE A 108 -24.96 -18.07 -12.62
N ILE A 109 -25.05 -19.21 -11.95
CA ILE A 109 -24.63 -20.46 -12.54
C ILE A 109 -25.42 -20.85 -13.82
N ASP A 110 -26.73 -20.64 -13.81
CA ASP A 110 -27.52 -21.03 -14.98
C ASP A 110 -27.22 -20.18 -16.18
N LEU A 111 -27.20 -18.89 -15.98
CA LEU A 111 -26.94 -18.00 -17.09
C LEU A 111 -25.63 -18.46 -17.70
N VAL A 112 -24.63 -18.54 -16.83
CA VAL A 112 -23.30 -18.87 -17.32
C VAL A 112 -23.32 -20.15 -18.09
N MET A 113 -23.86 -21.19 -17.45
CA MET A 113 -23.94 -22.54 -17.99
C MET A 113 -24.91 -22.67 -19.18
N SER A 114 -25.86 -21.74 -19.33
CA SER A 114 -26.80 -21.83 -20.42
C SER A 114 -26.35 -21.03 -21.64
N HIS A 115 -25.20 -20.38 -21.54
CA HIS A 115 -24.73 -19.57 -22.65
C HIS A 115 -23.42 -20.11 -23.19
N GLU A 116 -23.00 -19.56 -24.31
CA GLU A 116 -21.73 -20.00 -24.88
C GLU A 116 -20.57 -19.57 -23.99
N PRO A 117 -19.50 -20.33 -24.06
CA PRO A 117 -18.34 -20.10 -23.24
C PRO A 117 -17.70 -18.78 -23.51
N LYS A 118 -17.06 -18.23 -22.49
CA LYS A 118 -16.36 -16.99 -22.69
C LYS A 118 -17.19 -15.87 -23.29
N THR A 119 -18.48 -15.81 -22.96
CA THR A 119 -19.31 -14.72 -23.46
C THR A 119 -19.84 -13.78 -22.32
N ILE A 120 -19.86 -14.25 -21.09
CA ILE A 120 -20.37 -13.41 -20.02
C ILE A 120 -19.28 -12.87 -19.11
N THR A 121 -19.36 -11.57 -18.86
CA THR A 121 -18.42 -10.93 -17.98
C THR A 121 -19.17 -10.68 -16.67
N LEU A 122 -18.52 -11.06 -15.58
CA LEU A 122 -19.05 -10.80 -14.25
C LEU A 122 -18.50 -9.46 -13.80
N VAL A 123 -19.38 -8.64 -13.23
CA VAL A 123 -18.97 -7.33 -12.78
C VAL A 123 -19.50 -7.11 -11.38
N PRO A 124 -18.72 -7.46 -10.38
CA PRO A 124 -19.20 -7.31 -9.02
C PRO A 124 -18.80 -5.95 -8.51
N THR A 125 -19.74 -5.25 -7.88
CA THR A 125 -19.49 -3.93 -7.30
C THR A 125 -19.65 -3.86 -5.78
N GLY A 126 -19.91 -5.00 -5.14
CA GLY A 126 -19.97 -5.07 -3.67
C GLY A 126 -19.06 -6.20 -3.16
N GLY A 127 -19.39 -6.78 -2.00
CA GLY A 127 -18.66 -7.91 -1.44
C GLY A 127 -18.68 -9.07 -2.46
N LEU A 128 -17.68 -9.94 -2.40
CA LEU A 128 -17.54 -10.98 -3.41
C LEU A 128 -18.25 -12.30 -3.11
N THR A 129 -18.97 -12.33 -1.98
CA THR A 129 -19.72 -13.50 -1.57
C THR A 129 -20.56 -14.37 -2.51
N ASN A 130 -21.31 -13.75 -3.42
CA ASN A 130 -22.14 -14.53 -4.35
C ASN A 130 -21.20 -15.12 -5.36
N ILE A 131 -20.29 -14.29 -5.83
CA ILE A 131 -19.33 -14.73 -6.82
C ILE A 131 -18.56 -15.89 -6.25
N ALA A 132 -18.05 -15.76 -5.03
CA ALA A 132 -17.34 -16.87 -4.40
C ALA A 132 -18.19 -18.14 -4.27
N MET A 133 -19.40 -17.99 -3.74
CA MET A 133 -20.28 -19.15 -3.59
C MET A 133 -20.49 -19.91 -4.89
N ALA A 134 -20.77 -19.18 -5.97
CA ALA A 134 -21.02 -19.79 -7.26
C ALA A 134 -19.82 -20.55 -7.86
N ALA A 135 -18.63 -20.03 -7.63
CA ALA A 135 -17.39 -20.68 -8.10
C ALA A 135 -17.22 -21.98 -7.35
N ARG A 136 -17.45 -21.93 -6.04
CA ARG A 136 -17.28 -23.10 -5.23
C ARG A 136 -18.39 -24.11 -5.53
N LEU A 137 -19.59 -23.63 -5.84
CA LEU A 137 -20.72 -24.50 -6.11
C LEU A 137 -20.75 -25.07 -7.50
N GLU A 138 -20.09 -24.41 -8.42
CA GLU A 138 -20.10 -24.96 -9.76
C GLU A 138 -18.82 -24.51 -10.44
N PRO A 139 -17.76 -25.15 -10.00
CA PRO A 139 -16.39 -24.95 -10.51
C PRO A 139 -16.39 -24.86 -12.02
N ARG A 140 -17.39 -25.44 -12.66
CA ARG A 140 -17.37 -25.30 -14.08
C ARG A 140 -17.51 -23.88 -14.56
N ILE A 141 -18.19 -23.03 -13.80
CA ILE A 141 -18.38 -21.64 -14.27
C ILE A 141 -17.09 -20.84 -14.40
N VAL A 142 -16.04 -21.25 -13.68
CA VAL A 142 -14.79 -20.53 -13.79
C VAL A 142 -14.05 -20.51 -15.14
N ASP A 143 -14.19 -21.55 -15.94
CA ASP A 143 -13.56 -21.55 -17.24
C ASP A 143 -14.49 -21.04 -18.37
N ARG A 144 -15.80 -20.98 -18.08
CA ARG A 144 -16.82 -20.51 -19.04
C ARG A 144 -16.87 -18.99 -19.13
N VAL A 145 -16.83 -18.36 -17.97
CA VAL A 145 -16.87 -16.92 -17.83
C VAL A 145 -15.79 -16.25 -18.68
N LYS A 146 -16.14 -15.19 -19.41
CA LYS A 146 -15.17 -14.45 -20.20
C LYS A 146 -14.09 -13.88 -19.26
N GLU A 147 -14.50 -13.11 -18.26
CA GLU A 147 -13.55 -12.54 -17.30
C GLU A 147 -14.33 -11.90 -16.18
N VAL A 148 -13.61 -11.52 -15.13
CA VAL A 148 -14.19 -10.87 -13.95
C VAL A 148 -13.61 -9.47 -13.79
N VAL A 149 -14.46 -8.46 -13.89
CA VAL A 149 -14.02 -7.07 -13.74
C VAL A 149 -14.72 -6.52 -12.50
N LEU A 150 -13.96 -6.28 -11.43
CA LEU A 150 -14.60 -5.89 -10.22
C LEU A 150 -14.11 -4.56 -9.74
N MET A 151 -15.02 -3.87 -9.04
CA MET A 151 -14.73 -2.61 -8.40
C MET A 151 -14.46 -3.00 -6.97
N GLY A 152 -13.21 -2.87 -6.53
CA GLY A 152 -12.87 -3.20 -5.16
C GLY A 152 -11.39 -3.20 -4.96
N GLY A 153 -10.96 -3.24 -3.71
CA GLY A 153 -9.53 -3.27 -3.41
C GLY A 153 -8.90 -1.92 -3.57
N GLY A 154 -7.58 -1.93 -3.54
CA GLY A 154 -6.75 -0.71 -3.63
C GLY A 154 -5.32 -1.14 -3.32
N TYR A 155 -4.44 -1.03 -4.30
CA TYR A 155 -3.09 -1.50 -4.06
C TYR A 155 -2.25 -0.59 -3.22
N HIS A 156 -2.51 0.73 -3.28
CA HIS A 156 -1.80 1.71 -2.44
C HIS A 156 -2.71 2.64 -1.65
N GLU A 157 -3.96 2.25 -1.48
CA GLU A 157 -4.94 3.10 -0.86
C GLU A 157 -6.02 2.25 -0.14
N GLY A 158 -6.45 2.65 1.04
CA GLY A 158 -7.52 1.96 1.77
C GLY A 158 -8.58 2.99 2.19
N ASN A 159 -9.75 2.52 2.60
CA ASN A 159 -10.79 3.42 3.12
C ASN A 159 -11.50 2.79 4.30
N ALA A 160 -11.95 1.55 4.15
CA ALA A 160 -12.51 0.84 5.29
C ALA A 160 -11.40 0.97 6.37
N THR A 161 -10.14 0.88 5.94
CA THR A 161 -8.99 1.07 6.82
C THR A 161 -7.82 1.72 6.13
N SER A 162 -6.69 1.77 6.82
CA SER A 162 -5.50 2.39 6.26
C SER A 162 -5.09 1.76 4.93
N VAL A 163 -5.22 0.43 4.84
CA VAL A 163 -4.79 -0.33 3.66
C VAL A 163 -5.92 -1.07 2.94
N ALA A 164 -7.10 -1.06 3.51
CA ALA A 164 -8.15 -1.88 2.93
C ALA A 164 -9.40 -1.18 2.41
N GLU A 165 -10.00 -1.80 1.38
CA GLU A 165 -11.23 -1.33 0.76
C GLU A 165 -12.48 -2.14 1.19
N PHE A 166 -13.57 -1.44 1.43
CA PHE A 166 -14.83 -2.02 1.88
C PHE A 166 -15.23 -3.34 1.27
N ASN A 167 -15.38 -3.38 -0.05
CA ASN A 167 -15.87 -4.58 -0.70
C ASN A 167 -15.00 -5.78 -0.38
N ILE A 168 -13.77 -5.52 -0.03
CA ILE A 168 -12.89 -6.61 0.25
C ILE A 168 -12.85 -6.97 1.72
N ILE A 169 -12.66 -5.97 2.56
CA ILE A 169 -12.66 -6.25 3.99
C ILE A 169 -13.98 -6.91 4.40
N ILE A 170 -15.06 -6.59 3.69
CA ILE A 170 -16.35 -7.16 4.04
C ILE A 170 -16.38 -8.71 4.03
N ASP A 171 -15.75 -9.31 3.04
CA ASP A 171 -15.70 -10.77 2.95
C ASP A 171 -14.40 -11.17 2.30
N PRO A 172 -13.39 -11.25 3.15
CA PRO A 172 -12.02 -11.51 2.71
C PRO A 172 -11.87 -12.88 2.17
N GLU A 173 -12.63 -13.83 2.69
CA GLU A 173 -12.55 -15.20 2.17
C GLU A 173 -13.16 -15.28 0.77
N ALA A 174 -14.32 -14.67 0.59
CA ALA A 174 -14.96 -14.68 -0.71
C ALA A 174 -13.93 -14.03 -1.63
N ALA A 175 -13.30 -12.95 -1.16
CA ALA A 175 -12.31 -12.27 -1.99
C ALA A 175 -11.12 -13.17 -2.32
N HIS A 176 -10.69 -13.90 -1.30
CA HIS A 176 -9.60 -14.84 -1.48
C HIS A 176 -9.95 -15.90 -2.52
N ILE A 177 -11.18 -16.41 -2.44
CA ILE A 177 -11.65 -17.40 -3.39
C ILE A 177 -11.60 -16.85 -4.80
N VAL A 178 -12.26 -15.71 -5.00
CA VAL A 178 -12.33 -15.06 -6.30
C VAL A 178 -11.00 -14.75 -6.97
N PHE A 179 -10.07 -14.16 -6.19
CA PHE A 179 -8.74 -13.81 -6.70
C PHE A 179 -7.82 -14.96 -6.99
N ASN A 180 -8.06 -16.07 -6.30
CA ASN A 180 -7.28 -17.25 -6.48
C ASN A 180 -7.88 -18.23 -7.50
N GLU A 181 -9.13 -18.05 -7.88
CA GLU A 181 -9.62 -18.89 -8.95
C GLU A 181 -8.77 -18.49 -10.16
N SER A 182 -8.88 -19.22 -11.26
CA SER A 182 -8.04 -18.97 -12.42
C SER A 182 -8.56 -18.00 -13.50
N TRP A 183 -9.84 -17.61 -13.45
CA TRP A 183 -10.34 -16.68 -14.45
C TRP A 183 -9.49 -15.43 -14.47
N GLN A 184 -9.71 -14.63 -15.50
CA GLN A 184 -8.96 -13.40 -15.62
C GLN A 184 -9.65 -12.35 -14.78
N VAL A 185 -8.89 -11.67 -13.93
CA VAL A 185 -9.46 -10.70 -12.98
C VAL A 185 -8.90 -9.31 -13.11
N THR A 186 -9.78 -8.33 -13.25
CA THR A 186 -9.35 -6.97 -13.34
C THR A 186 -9.85 -6.29 -12.09
N MET A 187 -8.89 -5.78 -11.32
CA MET A 187 -9.24 -5.10 -10.10
C MET A 187 -9.28 -3.62 -10.38
N VAL A 188 -10.46 -3.03 -10.22
CA VAL A 188 -10.64 -1.58 -10.41
C VAL A 188 -10.80 -1.00 -9.00
N GLY A 189 -9.68 -0.65 -8.38
CA GLY A 189 -9.69 -0.20 -7.01
C GLY A 189 -9.65 1.28 -6.75
N LEU A 190 -9.49 1.60 -5.46
CA LEU A 190 -9.49 2.96 -4.98
C LEU A 190 -8.49 3.82 -5.71
N ASP A 191 -7.38 3.21 -6.13
CA ASP A 191 -6.32 3.92 -6.82
C ASP A 191 -6.84 4.55 -8.12
N LEU A 192 -7.69 3.83 -8.84
CA LEU A 192 -8.28 4.34 -10.07
C LEU A 192 -9.45 5.22 -9.72
N THR A 193 -10.40 4.63 -9.00
CA THR A 193 -11.69 5.23 -8.69
C THR A 193 -11.67 6.59 -8.09
N HIS A 194 -10.65 6.84 -7.28
CA HIS A 194 -10.58 8.12 -6.66
C HIS A 194 -10.42 9.22 -7.70
N GLN A 195 -10.00 8.86 -8.90
CA GLN A 195 -9.84 9.86 -9.93
C GLN A 195 -11.16 10.23 -10.57
N ALA A 196 -12.22 9.44 -10.30
CA ALA A 196 -13.56 9.69 -10.89
C ALA A 196 -14.40 10.74 -10.19
N LEU A 197 -13.96 11.98 -10.25
CA LEU A 197 -14.68 13.06 -9.58
C LEU A 197 -15.88 13.64 -10.29
N ALA A 198 -16.96 13.77 -9.55
CA ALA A 198 -18.11 14.40 -10.13
C ALA A 198 -17.84 15.87 -9.85
N THR A 199 -17.18 16.54 -10.78
CA THR A 199 -16.92 17.96 -10.57
C THR A 199 -18.14 18.83 -10.87
N PRO A 200 -18.09 20.07 -10.42
CA PRO A 200 -19.22 20.96 -10.65
C PRO A 200 -19.60 20.96 -12.15
N PRO A 201 -18.62 21.12 -13.03
CA PRO A 201 -18.94 21.13 -14.44
C PRO A 201 -19.67 19.88 -14.82
N ILE A 202 -19.24 18.75 -14.29
CA ILE A 202 -19.90 17.47 -14.57
C ILE A 202 -21.34 17.51 -14.10
N LEU A 203 -21.51 17.93 -12.84
CA LEU A 203 -22.85 17.98 -12.27
C LEU A 203 -23.76 18.89 -13.08
N GLN A 204 -23.19 20.00 -13.50
CA GLN A 204 -23.91 20.90 -14.35
C GLN A 204 -24.36 20.07 -15.54
N ARG A 205 -23.40 19.47 -16.27
CA ARG A 205 -23.70 18.71 -17.49
C ARG A 205 -24.84 17.74 -17.24
N VAL A 206 -24.78 17.08 -16.06
CA VAL A 206 -25.86 16.19 -15.65
C VAL A 206 -27.19 16.90 -15.51
N LYS A 207 -27.21 18.04 -14.83
CA LYS A 207 -28.42 18.86 -14.69
C LYS A 207 -29.02 19.24 -16.06
N GLU A 208 -28.15 19.44 -17.04
CA GLU A 208 -28.56 19.80 -18.38
C GLU A 208 -29.28 18.68 -19.08
N VAL A 209 -29.16 17.46 -18.59
CA VAL A 209 -29.81 16.37 -19.31
C VAL A 209 -31.30 16.45 -19.09
N ASP A 210 -31.66 16.89 -17.91
CA ASP A 210 -33.07 17.11 -17.63
C ASP A 210 -33.98 15.93 -17.90
N THR A 211 -33.76 14.83 -17.20
CA THR A 211 -34.65 13.69 -17.36
C THR A 211 -34.88 13.22 -15.95
N ASN A 212 -35.98 12.53 -15.74
CA ASN A 212 -36.26 12.07 -14.41
C ASN A 212 -35.06 11.35 -13.80
N PRO A 213 -34.51 10.40 -14.56
CA PRO A 213 -33.41 9.59 -14.06
C PRO A 213 -32.20 10.45 -13.72
N ALA A 214 -32.00 11.50 -14.50
CA ALA A 214 -30.90 12.42 -14.23
C ALA A 214 -31.11 13.19 -12.94
N ARG A 215 -32.38 13.51 -12.65
CA ARG A 215 -32.68 14.27 -11.44
C ARG A 215 -32.54 13.37 -10.27
N PHE A 216 -33.09 12.18 -10.44
CA PHE A 216 -32.99 11.18 -9.43
C PHE A 216 -31.51 11.04 -9.08
N MET A 217 -30.67 10.86 -10.11
CA MET A 217 -29.26 10.68 -9.84
C MET A 217 -28.67 11.77 -8.98
N LEU A 218 -28.94 13.01 -9.35
CA LEU A 218 -28.47 14.18 -8.64
C LEU A 218 -29.01 14.28 -7.22
N GLU A 219 -30.27 13.90 -7.07
CA GLU A 219 -30.89 13.85 -5.77
C GLU A 219 -30.07 12.95 -4.86
N ILE A 220 -29.81 11.70 -5.30
CA ILE A 220 -29.11 10.73 -4.47
C ILE A 220 -27.66 11.17 -4.34
N MET A 221 -27.09 11.78 -5.35
CA MET A 221 -25.72 12.23 -5.29
C MET A 221 -25.59 13.21 -4.17
N ASP A 222 -26.47 14.19 -4.24
CA ASP A 222 -26.54 15.27 -3.29
C ASP A 222 -26.65 14.77 -1.87
N TYR A 223 -27.62 13.89 -1.64
CA TYR A 223 -27.89 13.37 -0.32
C TYR A 223 -26.69 12.68 0.30
N TYR A 224 -26.07 11.79 -0.47
CA TYR A 224 -24.92 11.02 0.03
C TYR A 224 -23.67 11.87 0.13
N THR A 225 -23.46 12.68 -0.89
CA THR A 225 -22.34 13.60 -0.95
C THR A 225 -22.34 14.45 0.30
N LYS A 226 -23.46 15.08 0.61
CA LYS A 226 -23.53 15.90 1.80
C LYS A 226 -23.07 15.06 2.99
N ILE A 227 -23.78 13.99 3.34
CA ILE A 227 -23.34 13.14 4.45
C ILE A 227 -21.81 12.93 4.44
N TYR A 228 -21.30 12.57 3.28
CA TYR A 228 -19.89 12.25 3.13
C TYR A 228 -19.03 13.46 3.27
N GLN A 229 -19.16 14.36 2.32
CA GLN A 229 -18.40 15.60 2.31
C GLN A 229 -18.77 16.46 3.55
N SER A 230 -19.50 15.87 4.49
CA SER A 230 -19.91 16.56 5.71
C SER A 230 -19.05 16.19 6.90
N ASN A 231 -18.41 15.01 6.87
CA ASN A 231 -17.56 14.62 7.99
C ASN A 231 -16.32 15.51 7.94
N ARG A 232 -15.71 15.58 6.75
CA ARG A 232 -14.60 16.48 6.49
C ARG A 232 -14.89 17.24 5.19
N TYR A 233 -13.86 17.50 4.40
CA TYR A 233 -14.10 18.23 3.19
C TYR A 233 -13.60 17.61 1.90
N MET A 234 -14.56 17.40 1.03
CA MET A 234 -14.36 16.89 -0.31
C MET A 234 -14.79 18.04 -1.17
N ALA A 235 -13.95 18.43 -2.10
CA ALA A 235 -14.39 19.50 -2.96
C ALA A 235 -15.49 18.82 -3.75
N ALA A 236 -15.16 17.60 -4.16
CA ALA A 236 -16.06 16.77 -4.94
C ALA A 236 -15.98 15.32 -4.51
N ALA A 237 -17.07 14.58 -4.71
CA ALA A 237 -17.05 13.17 -4.40
C ALA A 237 -16.70 12.40 -5.68
N ALA A 238 -16.14 11.22 -5.53
CA ALA A 238 -15.83 10.35 -6.66
C ALA A 238 -16.93 9.28 -6.71
N VAL A 239 -17.23 8.77 -7.92
CA VAL A 239 -18.15 7.63 -8.11
C VAL A 239 -17.29 6.42 -8.49
N HIS A 240 -17.44 5.33 -7.76
CA HIS A 240 -16.59 4.17 -7.98
C HIS A 240 -17.06 3.13 -8.95
N ASP A 241 -18.09 2.39 -8.53
CA ASP A 241 -18.70 1.30 -9.28
C ASP A 241 -18.81 1.47 -10.83
N PRO A 242 -19.40 2.58 -11.31
CA PRO A 242 -19.56 2.76 -12.75
C PRO A 242 -18.25 2.48 -13.48
N CYS A 243 -17.12 2.80 -12.86
CA CYS A 243 -15.81 2.60 -13.47
C CYS A 243 -15.58 1.20 -13.98
N ALA A 244 -16.09 0.23 -13.22
CA ALA A 244 -15.93 -1.17 -13.62
C ALA A 244 -16.67 -1.42 -14.90
N VAL A 245 -17.86 -0.85 -14.95
CA VAL A 245 -18.69 -1.09 -16.10
C VAL A 245 -18.07 -0.39 -17.29
N ALA A 246 -17.53 0.78 -17.03
CA ALA A 246 -16.99 1.61 -18.10
C ALA A 246 -15.89 0.80 -18.74
N TYR A 247 -15.23 0.02 -17.93
CA TYR A 247 -14.14 -0.79 -18.42
C TYR A 247 -14.49 -1.84 -19.45
N VAL A 248 -15.62 -2.46 -19.22
CA VAL A 248 -16.11 -3.48 -20.12
C VAL A 248 -16.60 -2.78 -21.39
N ILE A 249 -17.27 -1.65 -21.25
CA ILE A 249 -17.70 -0.90 -22.43
C ILE A 249 -16.44 -0.62 -23.25
N ASP A 250 -15.39 -0.16 -22.59
CA ASP A 250 -14.19 0.18 -23.31
C ASP A 250 -12.92 0.23 -22.50
N PRO A 251 -12.28 -0.90 -22.43
CA PRO A 251 -10.99 -1.00 -21.78
C PRO A 251 -10.18 0.27 -21.85
N SER A 252 -9.96 0.79 -23.05
CA SER A 252 -9.12 2.00 -23.19
C SER A 252 -9.44 3.19 -22.26
N VAL A 253 -10.53 3.12 -21.52
CA VAL A 253 -10.92 4.19 -20.62
C VAL A 253 -9.98 4.30 -19.39
N MET A 254 -9.12 3.31 -19.21
CA MET A 254 -8.12 3.37 -18.12
C MET A 254 -6.98 2.46 -18.46
N THR A 255 -5.84 2.70 -17.83
CA THR A 255 -4.70 1.82 -18.01
C THR A 255 -4.75 0.80 -16.87
N THR A 256 -4.18 -0.37 -17.15
CA THR A 256 -4.14 -1.44 -16.15
C THR A 256 -2.72 -1.94 -16.10
N GLU A 257 -2.45 -2.78 -15.11
CA GLU A 257 -1.13 -3.36 -14.96
C GLU A 257 -1.29 -4.80 -14.56
N ARG A 258 -0.51 -5.67 -15.19
CA ARG A 258 -0.57 -7.06 -14.86
C ARG A 258 0.33 -7.34 -13.68
N VAL A 259 -0.30 -7.62 -12.55
CA VAL A 259 0.47 -7.96 -11.40
C VAL A 259 -0.33 -8.95 -10.61
N PRO A 260 0.38 -9.91 -10.07
CA PRO A 260 -0.25 -10.75 -9.06
C PRO A 260 -0.85 -9.98 -7.89
N VAL A 261 -2.04 -10.40 -7.48
CA VAL A 261 -2.76 -9.81 -6.36
C VAL A 261 -3.37 -10.98 -5.58
N ASP A 262 -3.17 -10.98 -4.27
CA ASP A 262 -3.77 -12.01 -3.44
C ASP A 262 -4.37 -11.23 -2.29
N ILE A 263 -5.09 -11.93 -1.42
CA ILE A 263 -5.76 -11.31 -0.31
C ILE A 263 -5.25 -11.73 1.07
N GLU A 264 -5.01 -10.74 1.94
CA GLU A 264 -4.59 -10.95 3.33
C GLU A 264 -5.76 -11.36 4.21
N LEU A 265 -5.71 -12.55 4.79
CA LEU A 265 -6.81 -13.03 5.62
C LEU A 265 -6.45 -13.03 7.09
N THR A 266 -5.17 -12.89 7.40
CA THR A 266 -4.71 -12.99 8.81
C THR A 266 -4.16 -11.73 9.50
N GLY A 267 -3.76 -10.72 8.73
CA GLY A 267 -3.17 -9.53 9.31
C GLY A 267 -4.04 -8.82 10.34
N LYS A 268 -3.40 -8.24 11.35
CA LYS A 268 -4.14 -7.48 12.34
C LYS A 268 -4.47 -6.13 11.77
N LEU A 269 -3.49 -5.55 11.10
CA LEU A 269 -3.64 -4.24 10.53
C LEU A 269 -4.00 -4.31 9.09
N THR A 270 -3.63 -5.42 8.44
CA THR A 270 -3.74 -5.53 6.99
C THR A 270 -4.80 -6.44 6.45
N LEU A 271 -5.72 -6.84 7.30
CA LEU A 271 -6.80 -7.73 6.88
C LEU A 271 -7.49 -7.12 5.67
N GLY A 272 -7.77 -7.97 4.69
CA GLY A 272 -8.46 -7.58 3.44
C GLY A 272 -7.61 -6.76 2.47
N MET A 273 -6.34 -6.52 2.78
CA MET A 273 -5.56 -5.72 1.87
C MET A 273 -5.41 -6.48 0.56
N THR A 274 -5.52 -5.81 -0.58
CA THR A 274 -5.34 -6.52 -1.86
C THR A 274 -3.86 -6.35 -2.03
N VAL A 275 -3.12 -7.43 -1.79
CA VAL A 275 -1.68 -7.38 -1.86
C VAL A 275 -1.15 -7.55 -3.28
N ALA A 276 -0.52 -6.48 -3.75
CA ALA A 276 0.00 -6.43 -5.11
C ALA A 276 1.53 -6.42 -5.18
N ASP A 277 2.07 -7.30 -6.01
CA ASP A 277 3.51 -7.35 -6.14
C ASP A 277 4.07 -6.71 -7.43
N PHE A 278 4.40 -5.41 -7.37
CA PHE A 278 4.95 -4.74 -8.56
C PHE A 278 6.44 -4.92 -8.62
N ARG A 279 6.99 -5.84 -7.84
CA ARG A 279 8.42 -6.07 -7.81
C ARG A 279 9.21 -6.62 -9.07
N ASN A 280 10.63 -6.49 -9.00
CA ASN A 280 11.67 -6.59 -10.04
C ASN A 280 11.22 -7.60 -11.10
N PRO A 281 11.32 -8.93 -11.19
CA PRO A 281 10.80 -9.70 -12.38
C PRO A 281 9.27 -9.89 -12.45
N ARG A 282 8.55 -9.18 -13.31
CA ARG A 282 7.07 -9.37 -13.39
C ARG A 282 6.76 -10.59 -14.25
N PRO A 283 5.96 -11.51 -13.73
CA PRO A 283 5.73 -12.81 -14.36
C PRO A 283 5.33 -12.69 -15.79
N GLU A 284 5.41 -13.83 -16.47
CA GLU A 284 5.03 -13.94 -17.90
C GLU A 284 3.58 -14.36 -18.00
N HIS A 285 3.13 -15.07 -16.97
CA HIS A 285 1.76 -15.54 -16.95
C HIS A 285 1.06 -15.19 -15.63
N CYS A 286 0.18 -14.20 -15.72
CA CYS A 286 -0.49 -13.66 -14.56
C CYS A 286 -1.97 -13.35 -14.90
N HIS A 287 -2.90 -13.98 -14.20
CA HIS A 287 -4.31 -13.78 -14.50
C HIS A 287 -4.88 -12.59 -13.77
N THR A 288 -4.04 -11.82 -13.10
CA THR A 288 -4.54 -10.63 -12.44
C THR A 288 -3.98 -9.34 -13.02
N GLN A 289 -4.77 -8.27 -12.91
CA GLN A 289 -4.32 -6.96 -13.33
C GLN A 289 -5.03 -5.86 -12.55
N VAL A 290 -4.37 -4.73 -12.41
CA VAL A 290 -4.91 -3.61 -11.65
C VAL A 290 -5.12 -2.37 -12.52
N ALA A 291 -6.13 -1.56 -12.21
CA ALA A 291 -6.44 -0.32 -12.95
C ALA A 291 -5.61 0.84 -12.38
N VAL A 292 -5.00 1.61 -13.26
CA VAL A 292 -4.12 2.66 -12.79
C VAL A 292 -4.51 4.09 -13.09
N LYS A 293 -4.80 4.41 -14.35
CA LYS A 293 -5.13 5.77 -14.71
C LYS A 293 -6.47 5.86 -15.41
N LEU A 294 -7.29 6.80 -14.97
CA LEU A 294 -8.61 7.01 -15.54
C LEU A 294 -8.57 8.00 -16.69
N ASP A 295 -9.36 7.75 -17.73
CA ASP A 295 -9.51 8.74 -18.79
C ASP A 295 -10.78 9.47 -18.40
N PHE A 296 -10.63 10.56 -17.68
CA PHE A 296 -11.73 11.37 -17.15
C PHE A 296 -12.84 11.76 -18.14
N GLU A 297 -12.44 12.45 -19.21
CA GLU A 297 -13.37 12.95 -20.22
C GLU A 297 -14.17 11.85 -20.91
N LYS A 298 -13.47 10.76 -21.21
CA LYS A 298 -14.14 9.66 -21.87
C LYS A 298 -15.08 9.00 -20.85
N PHE A 299 -14.58 8.82 -19.64
CA PHE A 299 -15.38 8.20 -18.59
C PHE A 299 -16.67 8.92 -18.31
N TRP A 300 -16.59 10.22 -18.05
CA TRP A 300 -17.80 11.01 -17.86
C TRP A 300 -18.64 11.18 -19.15
N GLY A 301 -18.01 11.11 -20.33
CA GLY A 301 -18.74 11.15 -21.58
C GLY A 301 -19.72 9.96 -21.62
N LEU A 302 -19.18 8.78 -21.29
CA LEU A 302 -19.95 7.53 -21.24
C LEU A 302 -21.21 7.61 -20.38
N VAL A 303 -21.06 8.19 -19.21
CA VAL A 303 -22.17 8.35 -18.28
C VAL A 303 -23.17 9.33 -18.83
N LEU A 304 -22.69 10.47 -19.29
CA LEU A 304 -23.59 11.43 -19.88
C LEU A 304 -24.35 10.83 -21.10
N ASP A 305 -23.62 10.12 -21.95
CA ASP A 305 -24.26 9.44 -23.07
C ASP A 305 -25.38 8.52 -22.58
N ALA A 306 -25.07 7.64 -21.64
CA ALA A 306 -26.06 6.67 -21.16
C ALA A 306 -27.32 7.40 -20.72
N LEU A 307 -27.14 8.51 -20.04
CA LEU A 307 -28.29 9.27 -19.58
C LEU A 307 -29.12 9.79 -20.73
N GLU A 308 -28.47 10.42 -21.71
CA GLU A 308 -29.17 10.97 -22.87
C GLU A 308 -30.00 9.88 -23.54
N ARG A 309 -29.42 8.67 -23.62
CA ARG A 309 -30.12 7.56 -24.25
C ARG A 309 -31.25 6.98 -23.41
N ILE A 310 -31.05 6.91 -22.12
CA ILE A 310 -32.14 6.38 -21.29
C ILE A 310 -33.39 7.23 -21.54
N GLY A 311 -33.15 8.52 -21.70
CA GLY A 311 -34.22 9.52 -21.93
C GLY A 311 -35.09 9.63 -20.68
N ASP A 312 -36.38 9.70 -20.89
CA ASP A 312 -37.37 9.72 -19.80
C ASP A 312 -38.32 8.55 -20.01
N PRO A 313 -37.99 7.38 -19.46
CA PRO A 313 -38.80 6.20 -19.63
C PRO A 313 -40.12 6.32 -18.92
N GLN A 314 -41.07 5.56 -19.40
CA GLN A 314 -42.39 5.40 -18.78
C GLN A 314 -43.55 5.98 -19.59
N ALA B 1 27.02 19.68 15.22
CA ALA B 1 27.55 18.88 16.33
C ALA B 1 27.13 17.41 16.22
N LYS B 2 25.83 17.19 16.32
CA LYS B 2 25.22 15.88 16.40
C LYS B 2 25.79 14.54 16.90
N LYS B 3 25.36 14.18 18.11
CA LYS B 3 25.77 12.91 18.70
C LYS B 3 24.77 11.86 18.25
N ILE B 4 25.29 10.73 17.82
CA ILE B 4 24.44 9.66 17.39
C ILE B 4 25.05 8.38 17.90
N ILE B 5 24.38 7.29 17.57
CA ILE B 5 24.85 5.96 17.88
C ILE B 5 24.34 5.21 16.67
N LEU B 6 25.25 5.00 15.73
CA LEU B 6 24.89 4.31 14.51
C LEU B 6 24.82 2.84 14.85
N ASP B 7 23.60 2.30 14.89
CA ASP B 7 23.39 0.87 15.13
C ASP B 7 23.34 0.17 13.78
N CYS B 8 24.13 -0.88 13.57
CA CYS B 8 24.14 -1.45 12.26
C CYS B 8 24.60 -2.87 12.13
N ASP B 9 24.46 -3.38 10.93
CA ASP B 9 24.80 -4.76 10.57
C ASP B 9 25.67 -4.70 9.31
N PRO B 10 26.72 -3.90 9.36
CA PRO B 10 27.65 -3.69 8.26
C PRO B 10 27.74 -4.77 7.20
N GLY B 11 27.60 -4.20 6.04
CA GLY B 11 27.66 -4.79 4.72
C GLY B 11 27.65 -3.54 3.83
N LEU B 12 27.49 -3.67 2.54
CA LEU B 12 27.66 -2.48 1.66
C LEU B 12 27.16 -1.14 2.27
N ASP B 13 25.84 -0.90 2.34
CA ASP B 13 25.38 0.46 2.78
C ASP B 13 25.85 0.87 4.17
N ASP B 14 25.75 -0.02 5.15
CA ASP B 14 26.23 0.34 6.51
C ASP B 14 27.59 1.01 6.33
N ALA B 15 28.49 0.26 5.70
CA ALA B 15 29.84 0.75 5.45
C ALA B 15 29.82 2.23 5.11
N VAL B 16 29.17 2.58 4.02
CA VAL B 16 29.10 3.98 3.63
C VAL B 16 28.52 4.84 4.75
N ALA B 17 27.36 4.48 5.26
CA ALA B 17 26.76 5.27 6.33
C ALA B 17 27.81 5.55 7.40
N ILE B 18 28.69 4.58 7.62
CA ILE B 18 29.74 4.73 8.62
C ILE B 18 30.71 5.80 8.22
N LEU B 19 31.12 5.75 6.96
CA LEU B 19 32.05 6.74 6.40
C LEU B 19 31.47 8.13 6.52
N LEU B 20 30.25 8.30 6.04
CA LEU B 20 29.61 9.60 6.08
C LEU B 20 29.43 10.08 7.53
N ALA B 21 29.24 9.14 8.45
CA ALA B 21 29.06 9.47 9.85
C ALA B 21 30.35 10.02 10.38
N HIS B 22 31.39 9.25 10.18
CA HIS B 22 32.69 9.66 10.64
C HIS B 22 33.10 11.01 10.03
N GLY B 23 33.40 10.93 8.73
CA GLY B 23 33.86 12.06 7.91
C GLY B 23 33.00 13.31 7.81
N ASN B 24 31.86 13.32 8.49
CA ASN B 24 31.05 14.53 8.47
C ASN B 24 31.29 15.22 9.80
N PRO B 25 31.57 16.52 9.70
CA PRO B 25 31.92 17.34 10.86
C PRO B 25 30.83 17.50 11.92
N GLU B 26 29.59 17.69 11.47
CA GLU B 26 28.46 17.85 12.36
C GLU B 26 28.03 16.54 13.04
N ILE B 27 28.73 15.45 12.76
CA ILE B 27 28.35 14.21 13.39
C ILE B 27 29.38 13.78 14.41
N GLU B 28 28.90 13.59 15.64
CA GLU B 28 29.72 13.08 16.73
C GLU B 28 29.21 11.67 16.98
N LEU B 29 30.06 10.71 16.64
CA LEU B 29 29.75 9.30 16.67
C LEU B 29 29.96 8.53 17.98
N LEU B 30 29.17 8.80 19.02
CA LEU B 30 29.38 8.08 20.29
C LEU B 30 29.79 6.63 20.09
N ALA B 31 29.06 5.91 19.26
CA ALA B 31 29.42 4.52 19.07
C ALA B 31 28.86 3.83 17.85
N ILE B 32 29.43 2.64 17.60
CA ILE B 32 29.00 1.82 16.49
C ILE B 32 28.54 0.50 17.09
N THR B 33 27.24 0.23 17.00
CA THR B 33 26.74 -1.02 17.54
C THR B 33 26.50 -2.04 16.45
N THR B 34 26.53 -3.29 16.84
CA THR B 34 26.41 -4.34 15.87
C THR B 34 25.27 -5.32 16.16
N VAL B 35 24.59 -5.73 15.09
CA VAL B 35 23.38 -6.59 15.13
C VAL B 35 23.38 -7.61 14.01
N VAL B 36 22.94 -8.82 14.34
CA VAL B 36 22.90 -9.85 13.32
C VAL B 36 22.08 -9.38 12.14
N GLY B 37 22.60 -9.60 10.94
CA GLY B 37 21.91 -9.17 9.74
C GLY B 37 21.89 -10.35 8.78
N ASN B 38 21.99 -10.05 7.49
CA ASN B 38 22.08 -11.09 6.46
C ASN B 38 23.22 -12.03 6.88
N GLN B 39 24.20 -11.44 7.56
CA GLN B 39 25.38 -12.16 8.00
C GLN B 39 25.37 -12.45 9.48
N THR B 40 26.22 -13.36 9.92
CA THR B 40 26.35 -13.67 11.34
C THR B 40 26.90 -12.48 12.14
N LEU B 41 26.40 -12.28 13.36
CA LEU B 41 26.87 -11.18 14.17
C LEU B 41 28.39 -11.04 14.08
N ALA B 42 29.10 -12.16 14.23
CA ALA B 42 30.56 -12.17 14.19
C ALA B 42 31.00 -11.46 12.96
N LYS B 43 30.71 -12.06 11.81
CA LYS B 43 31.06 -11.47 10.55
C LYS B 43 30.70 -9.99 10.46
N VAL B 44 29.51 -9.65 10.91
CA VAL B 44 29.13 -8.25 10.85
C VAL B 44 30.03 -7.38 11.74
N THR B 45 30.51 -7.93 12.86
CA THR B 45 31.41 -7.15 13.71
C THR B 45 32.77 -6.98 13.06
N ARG B 46 33.41 -8.08 12.68
CA ARG B 46 34.68 -8.00 11.97
C ARG B 46 34.56 -6.89 10.94
N ASN B 47 33.61 -7.08 10.04
CA ASN B 47 33.35 -6.16 8.94
C ASN B 47 33.39 -4.73 9.45
N ALA B 48 32.66 -4.50 10.53
CA ALA B 48 32.62 -3.17 11.05
C ALA B 48 34.01 -2.74 11.51
N GLN B 49 34.81 -3.68 12.03
CA GLN B 49 36.16 -3.35 12.46
C GLN B 49 36.97 -3.01 11.21
N LEU B 50 36.92 -3.87 10.21
CA LEU B 50 37.60 -3.56 8.97
C LEU B 50 37.37 -2.12 8.54
N VAL B 51 36.11 -1.81 8.28
CA VAL B 51 35.74 -0.47 7.85
C VAL B 51 36.26 0.60 8.76
N ALA B 52 36.10 0.42 10.05
CA ALA B 52 36.57 1.40 11.03
C ALA B 52 38.04 1.73 10.76
N ASP B 53 38.88 0.68 10.73
CA ASP B 53 40.28 0.85 10.39
C ASP B 53 40.30 1.66 9.14
N ILE B 54 39.74 1.06 8.09
CA ILE B 54 39.68 1.68 6.78
C ILE B 54 39.38 3.17 6.83
N ALA B 55 38.50 3.59 7.73
CA ALA B 55 38.14 5.00 7.82
C ALA B 55 39.06 5.74 8.77
N GLY B 56 39.93 5.00 9.43
CA GLY B 56 40.85 5.62 10.37
C GLY B 56 40.01 6.24 11.46
N ILE B 57 39.25 5.38 12.13
CA ILE B 57 38.41 5.84 13.22
C ILE B 57 38.97 5.28 14.51
N THR B 58 39.05 6.12 15.52
CA THR B 58 39.58 5.71 16.82
C THR B 58 38.74 6.38 17.89
N GLY B 59 38.74 5.82 19.09
CA GLY B 59 38.01 6.42 20.19
C GLY B 59 36.51 6.15 20.08
N VAL B 60 36.12 5.42 19.04
CA VAL B 60 34.72 5.06 18.93
C VAL B 60 34.62 3.60 19.27
N PRO B 61 33.92 3.32 20.36
CA PRO B 61 33.72 1.95 20.80
C PRO B 61 32.85 1.21 19.76
N ILE B 62 33.17 -0.05 19.55
CA ILE B 62 32.47 -0.87 18.59
C ILE B 62 31.98 -2.05 19.40
N ALA B 63 30.67 -2.10 19.66
CA ALA B 63 30.09 -3.18 20.43
C ALA B 63 29.15 -4.06 19.63
N ALA B 64 29.24 -5.36 19.91
CA ALA B 64 28.37 -6.32 19.27
C ALA B 64 27.13 -6.53 20.14
N GLY B 65 25.95 -6.40 19.53
CA GLY B 65 24.69 -6.56 20.24
C GLY B 65 24.18 -7.98 19.99
N CYS B 66 22.88 -8.12 19.75
CA CYS B 66 22.23 -9.43 19.53
C CYS B 66 22.57 -10.23 18.26
N ASP B 67 22.60 -11.56 18.41
CA ASP B 67 22.92 -12.48 17.34
C ASP B 67 21.76 -13.29 16.76
N LYS B 68 20.55 -13.08 17.27
CA LYS B 68 19.34 -13.71 16.72
C LYS B 68 18.17 -12.81 17.05
N PRO B 69 17.20 -12.70 16.15
CA PRO B 69 16.08 -11.83 16.44
C PRO B 69 15.42 -12.24 17.75
N LEU B 70 14.68 -11.30 18.32
CA LEU B 70 13.98 -11.55 19.58
C LEU B 70 13.24 -12.89 19.59
N VAL B 71 12.30 -13.07 18.65
CA VAL B 71 11.46 -14.27 18.58
C VAL B 71 11.64 -15.14 17.35
N ARG B 72 11.63 -14.52 16.17
CA ARG B 72 11.76 -15.27 14.91
C ARG B 72 13.13 -15.91 14.75
N LYS B 73 13.17 -17.00 13.98
CA LYS B 73 14.44 -17.60 13.65
C LYS B 73 14.87 -16.83 12.39
N ILE B 74 16.14 -16.45 12.32
CA ILE B 74 16.61 -15.76 11.14
C ILE B 74 16.20 -16.73 10.08
N MET B 75 16.52 -17.99 10.37
CA MET B 75 16.18 -19.16 9.56
C MET B 75 16.88 -19.63 8.29
N THR B 76 17.70 -18.77 7.66
CA THR B 76 18.39 -19.16 6.41
C THR B 76 19.93 -19.17 6.50
N LYS B 96 42.66 -3.52 14.31
CA LYS B 96 43.17 -2.31 14.91
C LYS B 96 42.28 -1.77 16.01
N ASN B 97 41.02 -1.59 15.64
CA ASN B 97 39.97 -1.18 16.55
C ASN B 97 39.48 -2.52 17.13
N LYS B 98 39.28 -2.57 18.44
CA LYS B 98 38.84 -3.80 19.08
C LYS B 98 37.25 -3.78 19.34
N VAL B 99 36.69 -4.78 20.09
CA VAL B 99 35.20 -4.90 20.42
C VAL B 99 34.97 -4.73 21.99
N ASP B 100 34.42 -3.54 22.51
CA ASP B 100 34.18 -3.31 24.05
C ASP B 100 33.64 -4.66 24.47
N GLU B 101 33.74 -5.01 25.75
CA GLU B 101 33.17 -6.27 26.19
C GLU B 101 31.72 -5.94 26.42
N ARG B 102 31.41 -4.66 26.26
CA ARG B 102 30.04 -4.27 26.43
C ARG B 102 29.19 -4.86 25.31
N HIS B 103 28.02 -5.34 25.74
CA HIS B 103 27.05 -5.86 24.79
C HIS B 103 26.40 -4.58 24.31
N ALA B 104 26.30 -4.43 23.01
CA ALA B 104 25.70 -3.24 22.45
C ALA B 104 24.58 -2.67 23.33
N VAL B 105 23.65 -3.54 23.72
CA VAL B 105 22.53 -3.11 24.53
C VAL B 105 22.90 -2.38 25.81
N ASN B 106 23.89 -2.90 26.53
CA ASN B 106 24.31 -2.23 27.75
C ASN B 106 24.99 -0.93 27.34
N LEU B 107 25.95 -1.06 26.44
CA LEU B 107 26.65 0.11 25.99
C LEU B 107 25.66 1.20 25.67
N ILE B 108 24.66 0.85 24.88
CA ILE B 108 23.68 1.83 24.48
C ILE B 108 23.05 2.49 25.68
N ILE B 109 22.53 1.68 26.60
CA ILE B 109 21.88 2.16 27.82
C ILE B 109 22.74 3.19 28.56
N ASP B 110 23.99 2.82 28.84
CA ASP B 110 24.86 3.75 29.54
C ASP B 110 24.89 5.03 28.75
N LEU B 111 25.23 4.91 27.48
CA LEU B 111 25.60 6.16 26.77
C LEU B 111 24.41 7.07 27.06
N VAL B 112 23.19 6.57 26.88
CA VAL B 112 22.01 7.41 27.07
C VAL B 112 21.81 7.84 28.50
N MET B 113 22.12 6.95 29.43
CA MET B 113 21.99 7.31 30.83
C MET B 113 23.14 8.25 31.17
N SER B 114 24.31 8.01 30.57
CA SER B 114 25.52 8.79 30.79
C SER B 114 25.65 10.21 30.20
N HIS B 115 24.60 10.70 29.53
CA HIS B 115 24.61 12.03 28.94
C HIS B 115 23.34 12.78 29.20
N GLU B 116 23.36 14.06 28.86
CA GLU B 116 22.17 14.84 29.09
C GLU B 116 21.06 14.40 28.19
N PRO B 117 19.86 14.73 28.63
CA PRO B 117 18.64 14.44 27.94
C PRO B 117 18.58 15.04 26.54
N LYS B 118 17.91 14.31 25.68
CA LYS B 118 17.69 14.73 24.32
C LYS B 118 18.94 15.26 23.63
N THR B 119 20.00 14.48 23.61
CA THR B 119 21.17 14.98 22.92
C THR B 119 21.68 13.99 21.89
N ILE B 120 21.33 12.73 22.09
CA ILE B 120 21.70 11.70 21.11
C ILE B 120 20.56 11.31 20.23
N THR B 121 20.94 10.79 19.08
CA THR B 121 20.00 10.31 18.13
C THR B 121 20.44 8.90 17.80
N LEU B 122 19.47 7.97 17.76
CA LEU B 122 19.76 6.58 17.50
C LEU B 122 19.60 6.41 16.04
N VAL B 123 20.60 5.78 15.42
CA VAL B 123 20.61 5.56 13.97
C VAL B 123 20.82 4.10 13.57
N PRO B 124 19.73 3.35 13.68
CA PRO B 124 19.70 1.93 13.34
C PRO B 124 19.64 1.72 11.83
N THR B 125 20.44 0.79 11.33
CA THR B 125 20.46 0.50 9.90
C THR B 125 20.47 -1.01 9.61
N GLY B 126 20.13 -1.79 10.65
CA GLY B 126 19.96 -3.23 10.55
C GLY B 126 18.57 -3.43 11.15
N GLY B 127 18.31 -4.60 11.70
CA GLY B 127 17.04 -4.87 12.36
C GLY B 127 17.07 -4.13 13.69
N LEU B 128 15.91 -3.97 14.30
CA LEU B 128 15.81 -3.23 15.55
C LEU B 128 16.03 -4.08 16.78
N THR B 129 16.65 -5.23 16.67
CA THR B 129 16.68 -6.07 17.86
C THR B 129 17.53 -5.47 19.04
N ASN B 130 18.64 -4.76 18.82
CA ASN B 130 19.37 -4.12 20.00
C ASN B 130 18.51 -2.97 20.53
N ILE B 131 17.94 -2.16 19.65
CA ILE B 131 17.13 -1.02 20.06
C ILE B 131 15.96 -1.47 20.89
N ALA B 132 15.27 -2.50 20.44
CA ALA B 132 14.12 -2.99 21.16
C ALA B 132 14.49 -3.48 22.55
N MET B 133 15.50 -4.36 22.57
CA MET B 133 15.98 -4.96 23.80
C MET B 133 16.30 -3.83 24.76
N ALA B 134 17.04 -2.85 24.26
CA ALA B 134 17.46 -1.73 25.10
C ALA B 134 16.30 -0.91 25.65
N ALA B 135 15.25 -0.76 24.87
CA ALA B 135 14.09 0.00 25.33
C ALA B 135 13.37 -0.72 26.42
N ARG B 136 13.42 -2.05 26.37
CA ARG B 136 12.74 -2.88 27.35
C ARG B 136 13.57 -3.05 28.63
N LEU B 137 14.88 -3.17 28.48
CA LEU B 137 15.79 -3.30 29.63
C LEU B 137 15.83 -2.03 30.52
N GLU B 138 16.02 -0.89 29.87
CA GLU B 138 15.99 0.38 30.57
C GLU B 138 14.98 1.22 29.81
N PRO B 139 13.83 1.45 30.42
CA PRO B 139 12.75 2.18 29.76
C PRO B 139 12.98 3.71 29.78
N ARG B 140 13.78 4.13 30.73
CA ARG B 140 14.06 5.54 30.87
C ARG B 140 14.68 6.18 29.63
N ILE B 141 15.20 5.36 28.72
CA ILE B 141 15.85 5.85 27.51
C ILE B 141 14.95 6.33 26.42
N VAL B 142 13.78 5.79 26.29
CA VAL B 142 12.91 6.31 25.27
C VAL B 142 12.63 7.76 25.59
N ASP B 143 12.63 8.19 26.86
CA ASP B 143 12.33 9.61 26.96
C ASP B 143 13.58 10.51 27.09
N ARG B 144 14.78 9.97 27.19
CA ARG B 144 16.03 10.82 27.14
C ARG B 144 16.43 10.97 25.68
N VAL B 145 16.34 9.86 24.94
CA VAL B 145 16.74 9.85 23.54
C VAL B 145 16.17 11.07 22.81
N LYS B 146 16.96 11.68 21.95
CA LYS B 146 16.45 12.87 21.27
C LYS B 146 15.37 12.46 20.31
N GLU B 147 15.70 11.51 19.44
CA GLU B 147 14.77 11.03 18.45
C GLU B 147 15.40 9.82 17.76
N VAL B 148 14.57 9.00 17.12
CA VAL B 148 15.12 7.86 16.38
C VAL B 148 14.95 8.06 14.88
N VAL B 149 16.03 7.74 14.15
CA VAL B 149 16.07 7.89 12.70
C VAL B 149 16.64 6.58 12.14
N LEU B 150 15.76 5.76 11.57
CA LEU B 150 16.16 4.46 11.02
C LEU B 150 16.00 4.42 9.52
N MET B 151 16.77 3.51 8.91
CA MET B 151 16.65 3.23 7.48
C MET B 151 16.02 1.87 7.50
N GLY B 152 14.70 1.86 7.40
CA GLY B 152 13.95 0.61 7.41
C GLY B 152 12.58 0.85 6.84
N GLY B 153 11.93 -0.22 6.41
CA GLY B 153 10.57 -0.13 5.89
C GLY B 153 10.34 0.38 4.48
N GLY B 154 9.07 0.52 4.17
CA GLY B 154 8.60 1.00 2.86
C GLY B 154 7.10 1.14 3.09
N TYR B 155 6.52 2.28 2.72
CA TYR B 155 5.10 2.50 2.93
C TYR B 155 4.27 2.11 1.72
N HIS B 156 4.89 2.12 0.54
CA HIS B 156 4.24 1.67 -0.69
C HIS B 156 5.27 0.92 -1.49
N GLU B 157 6.20 0.27 -0.81
CA GLU B 157 7.28 -0.44 -1.50
C GLU B 157 7.84 -1.55 -0.63
N GLY B 158 8.29 -2.64 -1.26
CA GLY B 158 8.86 -3.74 -0.49
C GLY B 158 10.05 -4.33 -1.25
N ASN B 159 10.92 -5.05 -0.54
CA ASN B 159 12.04 -5.69 -1.18
C ASN B 159 12.09 -7.15 -0.70
N ALA B 160 12.15 -7.37 0.62
CA ALA B 160 12.10 -8.73 1.16
C ALA B 160 10.81 -9.42 0.68
N THR B 161 9.78 -8.63 0.41
CA THR B 161 8.51 -9.15 -0.13
C THR B 161 7.82 -8.06 -0.93
N SER B 162 6.65 -8.38 -1.45
CA SER B 162 5.93 -7.39 -2.22
C SER B 162 5.79 -6.16 -1.34
N VAL B 163 5.57 -6.37 -0.05
CA VAL B 163 5.32 -5.24 0.85
C VAL B 163 6.27 -4.96 2.00
N ALA B 164 7.01 -5.97 2.49
CA ALA B 164 7.91 -5.75 3.61
C ALA B 164 9.37 -5.48 3.20
N GLU B 165 10.14 -4.84 4.09
CA GLU B 165 11.56 -4.53 3.83
C GLU B 165 12.52 -5.31 4.72
N PHE B 166 13.68 -5.67 4.19
CA PHE B 166 14.60 -6.55 4.91
C PHE B 166 14.80 -6.24 6.41
N ASN B 167 15.03 -4.98 6.75
CA ASN B 167 15.30 -4.62 8.15
C ASN B 167 14.15 -4.86 9.13
N ILE B 168 12.91 -4.68 8.66
CA ILE B 168 11.75 -4.87 9.51
C ILE B 168 11.39 -6.33 9.70
N ILE B 169 11.33 -7.05 8.59
CA ILE B 169 10.89 -8.44 8.58
C ILE B 169 11.82 -9.35 9.30
N ILE B 170 13.07 -8.95 9.40
CA ILE B 170 14.08 -9.75 10.09
C ILE B 170 13.69 -9.87 11.57
N ASP B 171 13.22 -8.77 12.14
CA ASP B 171 12.78 -8.80 13.52
C ASP B 171 11.56 -7.92 13.70
N PRO B 172 10.43 -8.48 13.30
CA PRO B 172 9.16 -7.78 13.35
C PRO B 172 8.76 -7.29 14.75
N GLU B 173 8.93 -8.15 15.75
CA GLU B 173 8.58 -7.77 17.12
C GLU B 173 9.41 -6.55 17.50
N ALA B 174 10.71 -6.68 17.32
CA ALA B 174 11.61 -5.61 17.68
C ALA B 174 11.08 -4.32 17.08
N ALA B 175 10.86 -4.33 15.77
CA ALA B 175 10.38 -3.16 15.06
C ALA B 175 9.08 -2.69 15.68
N HIS B 176 8.18 -3.63 15.95
CA HIS B 176 6.89 -3.26 16.56
C HIS B 176 7.10 -2.43 17.83
N ILE B 177 7.99 -2.95 18.65
CA ILE B 177 8.37 -2.31 19.89
C ILE B 177 8.79 -0.89 19.62
N VAL B 178 9.90 -0.73 18.91
CA VAL B 178 10.41 0.61 18.59
C VAL B 178 9.31 1.57 18.08
N PHE B 179 8.55 1.12 17.10
CA PHE B 179 7.53 1.98 16.53
C PHE B 179 6.45 2.28 17.51
N ASN B 180 6.36 1.46 18.54
CA ASN B 180 5.32 1.71 19.48
C ASN B 180 5.72 2.50 20.69
N GLU B 181 7.01 2.76 20.81
CA GLU B 181 7.48 3.55 21.95
C GLU B 181 7.08 4.97 21.71
N SER B 182 7.16 5.81 22.71
CA SER B 182 6.67 7.17 22.54
C SER B 182 7.61 8.13 21.82
N TRP B 183 8.89 7.76 21.75
CA TRP B 183 9.87 8.61 21.10
C TRP B 183 9.56 8.95 19.65
N GLN B 184 10.31 9.91 19.10
CA GLN B 184 10.15 10.37 17.73
C GLN B 184 10.91 9.50 16.76
N VAL B 185 10.14 8.86 15.89
CA VAL B 185 10.76 7.96 14.93
C VAL B 185 10.64 8.54 13.55
N THR B 186 11.74 8.46 12.80
CA THR B 186 11.75 8.87 11.41
C THR B 186 12.17 7.68 10.59
N MET B 187 11.23 7.19 9.77
CA MET B 187 11.46 6.01 8.96
C MET B 187 11.97 6.42 7.57
N VAL B 188 13.24 6.14 7.29
CA VAL B 188 13.82 6.46 5.99
C VAL B 188 13.68 5.16 5.19
N GLY B 189 12.51 4.97 4.62
CA GLY B 189 12.18 3.72 3.96
C GLY B 189 12.53 3.73 2.50
N LEU B 190 12.25 2.59 1.87
CA LEU B 190 12.54 2.37 0.46
C LEU B 190 11.98 3.46 -0.43
N ASP B 191 10.88 4.03 0.00
CA ASP B 191 10.25 5.02 -0.83
C ASP B 191 11.25 6.15 -1.07
N LEU B 192 11.95 6.51 -0.01
CA LEU B 192 12.95 7.55 -0.13
C LEU B 192 14.23 6.93 -0.70
N THR B 193 14.83 6.07 0.11
CA THR B 193 16.09 5.46 -0.21
C THR B 193 16.28 4.97 -1.65
N HIS B 194 15.20 4.73 -2.37
CA HIS B 194 15.38 4.22 -3.73
C HIS B 194 15.69 5.38 -4.66
N GLN B 195 15.73 6.58 -4.09
CA GLN B 195 16.13 7.76 -4.86
C GLN B 195 17.67 7.96 -4.83
N ALA B 196 18.29 7.56 -3.71
CA ALA B 196 19.74 7.66 -3.50
C ALA B 196 20.57 6.83 -4.49
N LEU B 197 20.51 7.19 -5.76
CA LEU B 197 21.21 6.47 -6.83
C LEU B 197 22.69 6.72 -7.02
N ALA B 198 23.38 5.64 -7.38
CA ALA B 198 24.80 5.66 -7.67
C ALA B 198 24.93 5.72 -9.17
N THR B 199 24.85 6.92 -9.73
CA THR B 199 24.90 7.09 -11.17
C THR B 199 26.28 7.44 -11.69
N PRO B 200 26.58 6.93 -12.87
CA PRO B 200 27.86 7.12 -13.56
C PRO B 200 28.61 8.40 -13.18
N PRO B 201 28.01 9.56 -13.44
CA PRO B 201 28.67 10.81 -13.09
C PRO B 201 29.19 10.74 -11.66
N ILE B 202 28.37 10.26 -10.73
CA ILE B 202 28.76 10.12 -9.35
C ILE B 202 30.01 9.26 -9.24
N LEU B 203 29.99 8.10 -9.89
CA LEU B 203 31.14 7.21 -9.86
C LEU B 203 32.41 7.89 -10.32
N GLN B 204 32.25 9.09 -10.89
CA GLN B 204 33.37 9.87 -11.37
C GLN B 204 34.04 10.66 -10.23
N ARG B 205 33.34 11.69 -9.75
CA ARG B 205 33.83 12.54 -8.67
C ARG B 205 34.33 11.70 -7.52
N VAL B 206 33.79 10.50 -7.38
CA VAL B 206 34.24 9.60 -6.34
C VAL B 206 35.62 9.11 -6.72
N LYS B 207 35.72 8.65 -7.97
CA LYS B 207 36.97 8.13 -8.54
C LYS B 207 38.09 9.16 -8.38
N GLU B 208 37.76 10.43 -8.65
CA GLU B 208 38.76 11.50 -8.57
C GLU B 208 39.05 12.07 -7.18
N VAL B 209 38.74 11.31 -6.14
CA VAL B 209 39.02 11.72 -4.78
C VAL B 209 40.33 11.07 -4.42
N ASP B 210 40.53 9.88 -4.96
CA ASP B 210 41.79 9.16 -4.80
C ASP B 210 42.27 8.95 -3.37
N THR B 211 41.39 8.48 -2.50
CA THR B 211 41.79 8.14 -1.15
C THR B 211 41.51 6.67 -1.19
N ASN B 212 42.26 5.89 -0.43
CA ASN B 212 41.94 4.48 -0.37
C ASN B 212 40.49 4.25 0.06
N PRO B 213 39.91 5.15 0.87
CA PRO B 213 38.52 4.95 1.24
C PRO B 213 37.66 5.18 -0.02
N ALA B 214 37.82 6.34 -0.64
CA ALA B 214 37.08 6.63 -1.85
C ALA B 214 37.12 5.35 -2.68
N ARG B 215 38.31 4.86 -3.00
CA ARG B 215 38.40 3.60 -3.76
C ARG B 215 37.63 2.52 -3.02
N PHE B 216 37.94 2.32 -1.74
CA PHE B 216 37.26 1.29 -1.00
C PHE B 216 35.77 1.38 -1.26
N MET B 217 35.28 2.59 -1.47
CA MET B 217 33.87 2.76 -1.77
C MET B 217 33.72 1.93 -3.03
N LEU B 218 34.56 2.19 -4.02
CA LEU B 218 33.74 1.89 -5.45
C LEU B 218 33.82 0.36 -5.45
N GLU B 219 35.00 -0.08 -4.95
CA GLU B 219 35.32 -1.51 -4.80
C GLU B 219 34.15 -2.26 -4.23
N ILE B 220 33.68 -1.74 -3.15
CA ILE B 220 32.51 -2.28 -2.52
C ILE B 220 31.30 -1.95 -3.44
N MET B 221 31.37 -0.77 -4.11
CA MET B 221 30.06 -0.15 -4.69
C MET B 221 29.76 -1.20 -5.72
N ASP B 222 30.79 -1.39 -6.51
CA ASP B 222 30.76 -2.27 -7.66
C ASP B 222 30.48 -3.72 -7.28
N TYR B 223 31.35 -4.38 -6.52
CA TYR B 223 31.06 -5.77 -6.19
C TYR B 223 29.58 -5.91 -5.90
N TYR B 224 29.12 -5.28 -4.83
CA TYR B 224 27.71 -5.39 -4.55
C TYR B 224 26.83 -4.55 -5.51
N THR B 225 27.48 -3.82 -6.41
CA THR B 225 26.80 -3.05 -7.46
C THR B 225 26.26 -4.07 -8.46
N LYS B 226 27.17 -4.83 -9.06
CA LYS B 226 26.82 -5.86 -10.04
C LYS B 226 25.85 -6.88 -9.44
N ILE B 227 26.38 -7.77 -8.59
CA ILE B 227 25.56 -8.80 -7.95
C ILE B 227 24.09 -8.49 -7.98
N TYR B 228 23.73 -7.41 -7.34
CA TYR B 228 22.32 -7.06 -7.28
C TYR B 228 21.87 -6.71 -8.71
N GLN B 229 22.58 -5.81 -9.37
CA GLN B 229 22.22 -5.51 -10.78
C GLN B 229 22.33 -6.74 -11.60
N SER B 230 22.41 -7.85 -10.99
CA SER B 230 23.04 -8.89 -11.87
C SER B 230 21.92 -9.81 -12.20
N ASN B 231 21.13 -10.00 -11.21
CA ASN B 231 19.98 -10.81 -11.39
C ASN B 231 19.31 -10.27 -12.64
N ARG B 232 19.19 -8.96 -12.61
CA ARG B 232 18.60 -8.19 -13.70
C ARG B 232 19.32 -6.87 -13.86
N TYR B 233 18.63 -5.77 -13.63
CA TYR B 233 19.30 -4.59 -14.52
C TYR B 233 18.88 -3.34 -13.74
N MET B 234 19.53 -3.18 -12.58
CA MET B 234 19.35 -2.00 -11.76
C MET B 234 20.25 -1.03 -12.50
N ALA B 235 19.76 -0.43 -13.58
CA ALA B 235 20.58 0.48 -14.37
C ALA B 235 21.65 1.11 -13.47
N ALA B 236 21.22 1.61 -12.31
CA ALA B 236 22.12 2.15 -11.30
C ALA B 236 21.80 1.44 -10.00
N ALA B 237 22.62 1.67 -8.98
CA ALA B 237 22.37 1.08 -7.67
C ALA B 237 21.96 2.24 -6.79
N ALA B 238 21.60 1.93 -5.57
CA ALA B 238 21.25 2.97 -4.63
C ALA B 238 21.81 2.59 -3.27
N VAL B 239 22.15 3.60 -2.48
CA VAL B 239 22.61 3.37 -1.12
C VAL B 239 21.38 3.61 -0.28
N HIS B 240 21.37 3.12 0.94
CA HIS B 240 20.18 3.33 1.74
C HIS B 240 20.60 3.86 3.05
N ASP B 241 21.36 3.02 3.71
CA ASP B 241 21.81 3.31 5.04
C ASP B 241 22.23 4.76 5.28
N PRO B 242 23.04 5.31 4.40
CA PRO B 242 23.51 6.68 4.52
C PRO B 242 22.41 7.71 4.65
N CYS B 243 21.37 7.54 3.84
CA CYS B 243 20.27 8.48 3.81
C CYS B 243 19.83 8.80 5.21
N ALA B 244 19.90 7.78 6.06
CA ALA B 244 19.49 7.96 7.45
C ALA B 244 20.37 9.00 8.10
N VAL B 245 21.68 8.82 7.95
CA VAL B 245 22.63 9.78 8.48
C VAL B 245 22.34 11.16 7.84
N ALA B 246 22.31 11.17 6.51
CA ALA B 246 22.08 12.37 5.76
C ALA B 246 21.05 13.23 6.46
N TYR B 247 19.87 12.67 6.70
CA TYR B 247 18.75 13.41 7.29
C TYR B 247 19.12 14.05 8.61
N VAL B 248 19.88 13.30 9.37
CA VAL B 248 20.32 13.77 10.67
C VAL B 248 21.12 15.05 10.43
N ILE B 249 22.17 14.90 9.65
CA ILE B 249 23.06 15.97 9.30
C ILE B 249 22.30 17.19 8.78
N ASP B 250 21.18 16.99 8.11
CA ASP B 250 20.44 18.10 7.51
C ASP B 250 19.08 17.64 7.06
N PRO B 251 18.19 17.60 8.04
CA PRO B 251 16.80 17.21 7.87
C PRO B 251 16.25 17.74 6.54
N SER B 252 16.71 18.92 6.17
CA SER B 252 16.27 19.57 4.95
C SER B 252 16.58 18.71 3.72
N VAL B 253 17.51 17.79 3.87
CA VAL B 253 17.96 16.98 2.77
C VAL B 253 16.88 16.16 2.03
N MET B 254 15.81 15.80 2.73
CA MET B 254 14.72 15.05 2.12
C MET B 254 13.43 15.53 2.78
N THR B 255 12.28 15.29 2.14
CA THR B 255 11.00 15.65 2.74
C THR B 255 10.45 14.51 3.62
N THR B 256 9.53 14.87 4.51
CA THR B 256 8.88 13.91 5.41
C THR B 256 7.42 14.23 5.67
N GLU B 257 6.65 13.17 5.80
CA GLU B 257 5.23 13.31 6.10
C GLU B 257 4.98 12.65 7.43
N ARG B 258 4.30 13.40 8.30
CA ARG B 258 4.01 12.88 9.61
C ARG B 258 2.72 12.04 9.55
N VAL B 259 2.90 10.73 9.51
CA VAL B 259 1.77 9.84 9.48
C VAL B 259 2.01 8.79 10.54
N PRO B 260 0.92 8.18 10.94
CA PRO B 260 0.97 7.12 11.94
C PRO B 260 1.57 5.93 11.23
N VAL B 261 2.35 5.13 11.96
CA VAL B 261 2.94 3.92 11.42
C VAL B 261 2.94 2.81 12.47
N ASP B 262 2.63 1.61 12.02
CA ASP B 262 2.57 0.42 12.90
C ASP B 262 3.09 -0.77 12.13
N ILE B 263 3.42 -1.82 12.86
CA ILE B 263 4.03 -2.98 12.23
C ILE B 263 3.14 -4.20 12.27
N GLU B 264 2.97 -4.83 11.10
CA GLU B 264 2.16 -6.06 10.95
C GLU B 264 2.93 -7.28 11.43
N LEU B 265 2.35 -8.00 12.38
CA LEU B 265 3.00 -9.16 12.98
C LEU B 265 2.34 -10.47 12.63
N THR B 266 1.11 -10.40 12.14
CA THR B 266 0.39 -11.62 11.88
C THR B 266 -0.11 -11.95 10.50
N GLY B 267 0.03 -11.01 9.58
CA GLY B 267 -0.41 -11.28 8.22
C GLY B 267 0.47 -12.37 7.62
N LYS B 268 -0.10 -13.19 6.74
CA LYS B 268 0.68 -14.24 6.10
C LYS B 268 1.37 -13.65 4.88
N LEU B 269 0.69 -12.70 4.26
CA LEU B 269 1.19 -12.04 3.09
C LEU B 269 1.89 -10.76 3.51
N THR B 270 1.40 -10.16 4.59
CA THR B 270 1.89 -8.86 5.04
C THR B 270 2.85 -8.74 6.24
N LEU B 271 3.37 -9.86 6.73
CA LEU B 271 4.25 -9.80 7.90
C LEU B 271 5.41 -8.82 7.71
N GLY B 272 5.64 -8.00 8.71
CA GLY B 272 6.74 -7.05 8.69
C GLY B 272 6.48 -5.81 7.85
N MET B 273 5.24 -5.60 7.44
CA MET B 273 4.92 -4.43 6.63
C MET B 273 4.81 -3.20 7.51
N THR B 274 5.46 -2.12 7.08
CA THR B 274 5.35 -0.87 7.80
C THR B 274 4.04 -0.29 7.27
N VAL B 275 3.00 -0.40 8.08
CA VAL B 275 1.70 0.09 7.69
C VAL B 275 1.44 1.55 8.12
N ALA B 276 1.36 2.45 7.13
CA ALA B 276 1.06 3.86 7.40
C ALA B 276 -0.31 4.30 6.94
N ASP B 277 -0.98 5.08 7.80
CA ASP B 277 -2.29 5.62 7.51
C ASP B 277 -2.20 7.02 6.95
N PHE B 278 -2.43 7.17 5.66
CA PHE B 278 -2.45 8.50 5.03
C PHE B 278 -3.90 9.03 4.87
N ARG B 279 -4.87 8.27 5.42
CA ARG B 279 -6.32 8.61 5.31
C ARG B 279 -6.54 9.94 5.93
N ASN B 280 -7.60 10.57 5.69
CA ASN B 280 -7.46 11.90 6.08
C ASN B 280 -8.40 12.42 6.98
N PRO B 281 -9.13 12.04 7.81
CA PRO B 281 -8.84 13.08 8.85
C PRO B 281 -7.21 12.83 9.43
N ARG B 282 -6.04 13.75 9.35
CA ARG B 282 -4.49 13.53 9.97
C ARG B 282 -4.47 14.01 11.45
N PRO B 283 -3.99 13.20 12.43
CA PRO B 283 -3.97 13.59 13.84
C PRO B 283 -2.96 14.63 14.05
N GLU B 284 -3.12 15.48 15.03
CA GLU B 284 -2.08 16.51 15.25
C GLU B 284 -0.94 15.95 16.09
N HIS B 285 -1.23 14.95 16.92
CA HIS B 285 -0.18 14.39 17.75
C HIS B 285 0.40 13.06 17.34
N CYS B 286 1.26 13.13 16.32
CA CYS B 286 1.90 11.97 15.69
C CYS B 286 3.39 11.91 15.95
N HIS B 287 3.86 10.84 16.59
CA HIS B 287 5.27 10.71 16.96
C HIS B 287 6.11 10.03 15.88
N THR B 288 5.43 9.60 14.84
CA THR B 288 6.12 8.92 13.76
C THR B 288 6.05 9.75 12.50
N GLN B 289 7.00 9.54 11.59
CA GLN B 289 6.94 10.23 10.32
C GLN B 289 7.73 9.47 9.27
N VAL B 290 7.46 9.74 7.98
CA VAL B 290 8.08 9.03 6.87
C VAL B 290 8.79 9.88 5.83
N ALA B 291 9.88 9.34 5.29
CA ALA B 291 10.68 10.04 4.30
C ALA B 291 10.12 9.83 2.92
N VAL B 292 10.10 10.92 2.17
CA VAL B 292 9.52 10.90 0.84
C VAL B 292 10.46 11.29 -0.29
N LYS B 293 10.67 12.59 -0.45
CA LYS B 293 11.47 13.09 -1.55
C LYS B 293 12.84 13.45 -1.10
N LEU B 294 13.81 13.02 -1.90
CA LEU B 294 15.21 13.31 -1.63
C LEU B 294 15.80 14.38 -2.53
N ASP B 295 16.73 15.17 -2.00
CA ASP B 295 17.49 16.11 -2.82
C ASP B 295 18.77 15.38 -3.24
N PHE B 296 18.67 14.70 -4.36
CA PHE B 296 19.78 13.97 -4.89
C PHE B 296 21.05 14.77 -4.61
N GLU B 297 21.11 15.94 -5.23
CA GLU B 297 22.28 16.77 -5.12
C GLU B 297 22.80 16.96 -3.72
N LYS B 298 22.01 17.62 -2.88
CA LYS B 298 22.41 17.81 -1.49
C LYS B 298 22.95 16.48 -0.93
N PHE B 299 22.19 15.41 -1.12
CA PHE B 299 22.61 14.13 -0.61
C PHE B 299 24.04 13.83 -1.06
N TRP B 300 24.20 13.64 -2.35
CA TRP B 300 25.49 13.25 -2.85
C TRP B 300 26.67 14.11 -2.41
N GLY B 301 26.49 15.43 -2.49
CA GLY B 301 27.50 16.34 -1.97
C GLY B 301 27.95 15.79 -0.62
N LEU B 302 27.08 15.93 0.37
CA LEU B 302 27.35 15.41 1.71
C LEU B 302 28.29 14.21 1.66
N VAL B 303 27.82 13.13 1.07
CA VAL B 303 28.65 11.95 1.00
C VAL B 303 30.04 12.33 0.57
N LEU B 304 30.13 13.00 -0.58
CA LEU B 304 31.41 13.39 -1.19
C LEU B 304 32.32 14.20 -0.31
N ASP B 305 31.80 15.28 0.23
CA ASP B 305 32.57 16.13 1.14
C ASP B 305 33.25 15.25 2.21
N ALA B 306 32.44 14.39 2.82
CA ALA B 306 32.91 13.51 3.86
C ALA B 306 34.11 12.69 3.43
N LEU B 307 34.09 12.25 2.17
CA LEU B 307 35.16 11.40 1.60
C LEU B 307 36.43 12.26 1.47
N GLU B 308 36.23 13.49 1.03
CA GLU B 308 37.34 14.38 0.92
C GLU B 308 37.86 14.49 2.35
N ARG B 309 37.06 15.11 3.19
CA ARG B 309 37.46 15.37 4.56
C ARG B 309 38.22 14.26 5.26
N ILE B 310 37.92 12.99 4.97
CA ILE B 310 38.64 11.92 5.67
C ILE B 310 40.09 11.89 5.25
N GLY B 311 40.35 12.35 4.02
CA GLY B 311 41.70 12.36 3.47
C GLY B 311 42.22 10.93 3.43
N ASP B 312 43.49 10.75 3.78
CA ASP B 312 44.04 9.41 3.81
C ASP B 312 44.52 8.90 5.16
N PRO B 313 43.66 8.09 5.75
CA PRO B 313 43.88 7.49 7.05
C PRO B 313 45.30 7.04 7.26
N GLN B 314 46.07 7.90 7.92
CA GLN B 314 47.46 7.64 8.27
C GLN B 314 47.72 6.18 8.69
#